data_6JVV
#
_entry.id   6JVV
#
_cell.length_a   67.089
_cell.length_b   74.519
_cell.length_c   67.967
_cell.angle_alpha   90.000
_cell.angle_beta   118.560
_cell.angle_gamma   90.000
#
_symmetry.space_group_name_H-M   'P 1 21 1'
#
loop_
_entity.id
_entity.type
_entity.pdbx_description
1 polymer 'maleylpyruvate hydrolase'
2 non-polymer GLYCEROL
3 non-polymer DI(HYDROXYETHYL)ETHER
4 non-polymer 'SULFATE ION'
5 water water
#
_entity_poly.entity_id   1
_entity_poly.type   'polypeptide(L)'
_entity_poly.pdbx_seq_one_letter_code
;MRLARFDGGRLGVVIGDEIADITALTGADPAQWPDMNMIRLIRDFEGLRGAIEAALPGLARIPLAQVSLETPVPWPNKII
AYPVNYHAHGREMQAQYRATNQGFFLKPGSALSGPTDPVVLPAVPGREVHHESELAIIIGKTCRSVAREDWKDVVFGYAC
LLDMVVRGREERVFRKAYDTFCPVGPWITTADAVNDPATLDMKLWVNDDLRQKANTRDLVLDIPGMIATASAVMTLQPGD
IIATGTPEGVGPVVDGDRIRIVIDQVGEMAVDVVQGQEGMTEVFAQPYVPPIIKQLEHHHHHH
;
_entity_poly.pdbx_strand_id   A,B
#
# COMPACT_ATOMS: atom_id res chain seq x y z
N MET A 1 -5.91 -4.19 -25.93
CA MET A 1 -6.78 -3.06 -25.57
C MET A 1 -5.95 -2.15 -24.66
N ARG A 2 -6.17 -0.86 -24.75
CA ARG A 2 -5.48 0.14 -23.93
C ARG A 2 -6.51 0.78 -22.99
N LEU A 3 -6.32 0.60 -21.70
CA LEU A 3 -7.27 1.08 -20.68
C LEU A 3 -6.63 2.24 -19.93
N ALA A 4 -7.35 3.32 -19.79
CA ALA A 4 -6.81 4.55 -19.18
C ALA A 4 -7.78 5.17 -18.22
N ARG A 5 -7.21 5.94 -17.29
CA ARG A 5 -8.00 6.88 -16.47
C ARG A 5 -7.80 8.25 -17.02
N PHE A 6 -8.80 9.11 -16.90
CA PHE A 6 -8.66 10.49 -17.39
C PHE A 6 -9.71 11.40 -16.78
N ASP A 7 -9.37 12.70 -16.76
CA ASP A 7 -10.27 13.81 -16.38
C ASP A 7 -10.97 13.48 -15.07
N GLY A 8 -10.23 13.19 -13.99
CA GLY A 8 -10.83 12.93 -12.67
C GLY A 8 -11.38 11.55 -12.49
N GLY A 9 -10.73 10.52 -13.04
CA GLY A 9 -11.08 9.15 -12.72
C GLY A 9 -12.07 8.55 -13.71
N ARG A 10 -12.35 9.22 -14.82
CA ARG A 10 -13.17 8.55 -15.86
C ARG A 10 -12.34 7.37 -16.37
N LEU A 11 -13.00 6.29 -16.81
CA LEU A 11 -12.34 5.14 -17.46
C LEU A 11 -12.56 5.20 -18.96
N GLY A 12 -11.51 4.92 -19.70
CA GLY A 12 -11.61 4.95 -21.15
C GLY A 12 -10.77 3.92 -21.83
N VAL A 13 -11.14 3.64 -23.08
CA VAL A 13 -10.37 2.77 -23.98
C VAL A 13 -9.72 3.66 -25.02
N VAL A 14 -8.41 3.53 -25.18
CA VAL A 14 -7.67 4.45 -26.08
C VAL A 14 -7.70 3.79 -27.45
N ILE A 15 -8.20 4.52 -28.45
CA ILE A 15 -8.36 4.00 -29.84
C ILE A 15 -7.71 5.03 -30.76
N GLY A 16 -6.55 4.67 -31.34
CA GLY A 16 -5.76 5.64 -32.10
C GLY A 16 -5.43 6.84 -31.26
N ASP A 17 -5.87 8.02 -31.67
CA ASP A 17 -5.53 9.33 -31.04
C ASP A 17 -6.74 9.84 -30.26
N GLU A 18 -7.67 8.94 -29.90
CA GLU A 18 -8.91 9.28 -29.20
C GLU A 18 -9.07 8.35 -28.00
N ILE A 19 -9.95 8.74 -27.12
CA ILE A 19 -10.37 7.86 -25.99
C ILE A 19 -11.88 7.78 -26.04
N ALA A 20 -12.38 6.55 -25.87
CA ALA A 20 -13.82 6.19 -25.74
C ALA A 20 -14.12 6.03 -24.25
N ASP A 21 -15.13 6.71 -23.80
CA ASP A 21 -15.48 6.79 -22.36
C ASP A 21 -16.35 5.59 -22.00
N ILE A 22 -15.84 4.68 -21.18
CA ILE A 22 -16.53 3.48 -20.71
C ILE A 22 -17.07 3.63 -19.29
N THR A 23 -16.99 4.83 -18.72
CA THR A 23 -17.39 5.08 -17.31
C THR A 23 -18.84 4.62 -17.12
N ALA A 24 -19.76 5.11 -17.95
CA ALA A 24 -21.20 4.84 -17.76
C ALA A 24 -21.45 3.36 -18.08
N LEU A 25 -20.84 2.84 -19.14
CA LEU A 25 -21.09 1.42 -19.52
C LEU A 25 -20.73 0.50 -18.36
N THR A 26 -19.58 0.71 -17.73
CA THR A 26 -19.05 -0.14 -16.65
C THR A 26 -19.67 0.21 -15.30
N GLY A 27 -20.44 1.28 -15.13
CA GLY A 27 -21.01 1.68 -13.85
C GLY A 27 -19.92 2.21 -12.91
N ALA A 28 -18.82 2.70 -13.45
CA ALA A 28 -17.75 3.32 -12.61
C ALA A 28 -18.28 4.64 -12.05
N ASP A 29 -17.82 5.05 -10.86
CA ASP A 29 -18.16 6.35 -10.25
C ASP A 29 -16.88 7.12 -10.13
N PRO A 30 -16.59 8.11 -10.98
CA PRO A 30 -15.32 8.83 -10.95
C PRO A 30 -15.17 9.66 -9.68
N ALA A 31 -16.26 9.85 -8.95
CA ALA A 31 -16.20 10.63 -7.69
C ALA A 31 -15.82 9.72 -6.54
N GLN A 32 -15.75 8.42 -6.75
CA GLN A 32 -15.46 7.42 -5.68
C GLN A 32 -14.12 7.83 -5.02
N TRP A 33 -14.09 7.77 -3.68
CA TRP A 33 -12.80 7.99 -2.97
C TRP A 33 -12.76 6.99 -1.83
N PRO A 34 -11.67 6.22 -1.66
CA PRO A 34 -10.58 6.12 -2.62
C PRO A 34 -11.02 5.56 -3.97
N ASP A 35 -10.34 5.97 -5.05
CA ASP A 35 -10.79 5.59 -6.40
C ASP A 35 -10.23 4.22 -6.72
N MET A 36 -11.07 3.20 -6.68
CA MET A 36 -10.69 1.79 -6.94
C MET A 36 -11.37 1.30 -8.22
N ASN A 37 -11.88 2.21 -9.05
CA ASN A 37 -12.65 1.77 -10.25
C ASN A 37 -11.80 0.91 -11.17
N MET A 38 -10.58 1.31 -11.47
CA MET A 38 -9.70 0.52 -12.39
C MET A 38 -9.40 -0.85 -11.78
N ILE A 39 -9.21 -0.95 -10.48
CA ILE A 39 -8.97 -2.28 -9.89
C ILE A 39 -10.18 -3.20 -10.06
N ARG A 40 -11.40 -2.68 -9.92
CA ARG A 40 -12.58 -3.54 -10.15
C ARG A 40 -12.66 -3.88 -11.63
N LEU A 41 -12.35 -2.97 -12.54
CA LEU A 41 -12.41 -3.25 -14.00
C LEU A 41 -11.40 -4.36 -14.29
N ILE A 42 -10.21 -4.28 -13.71
CA ILE A 42 -9.18 -5.32 -13.93
C ILE A 42 -9.67 -6.67 -13.42
N ARG A 43 -10.15 -6.70 -12.18
CA ARG A 43 -10.62 -7.94 -11.53
C ARG A 43 -11.65 -8.61 -12.48
N ASP A 44 -12.57 -7.79 -13.00
CA ASP A 44 -13.76 -8.25 -13.77
C ASP A 44 -13.53 -8.25 -15.27
N PHE A 45 -12.32 -8.05 -15.78
CA PHE A 45 -12.19 -7.70 -17.20
C PHE A 45 -12.63 -8.85 -18.12
N GLU A 46 -12.34 -10.09 -17.76
CA GLU A 46 -12.71 -11.17 -18.72
C GLU A 46 -14.22 -11.23 -18.83
N GLY A 47 -14.94 -10.76 -17.82
CA GLY A 47 -16.41 -10.68 -17.89
C GLY A 47 -16.93 -9.40 -18.48
N LEU A 48 -16.08 -8.41 -18.78
CA LEU A 48 -16.52 -7.10 -19.30
C LEU A 48 -15.96 -6.83 -20.69
N ARG A 49 -14.88 -7.50 -21.11
CA ARG A 49 -14.18 -7.15 -22.36
C ARG A 49 -15.11 -7.27 -23.56
N GLY A 50 -15.89 -8.34 -23.63
CA GLY A 50 -16.85 -8.54 -24.75
C GLY A 50 -17.86 -7.42 -24.83
N ALA A 51 -18.39 -7.02 -23.69
CA ALA A 51 -19.37 -5.92 -23.57
C ALA A 51 -18.75 -4.62 -24.05
N ILE A 52 -17.53 -4.33 -23.58
CA ILE A 52 -16.84 -3.12 -24.02
C ILE A 52 -16.68 -3.14 -25.56
N GLU A 53 -16.22 -4.23 -26.11
CA GLU A 53 -15.97 -4.30 -27.57
C GLU A 53 -17.30 -4.14 -28.34
N ALA A 54 -18.37 -4.73 -27.84
CA ALA A 54 -19.68 -4.65 -28.54
C ALA A 54 -20.24 -3.22 -28.50
N ALA A 55 -20.08 -2.52 -27.38
CA ALA A 55 -20.69 -1.18 -27.17
C ALA A 55 -19.82 -0.06 -27.73
N LEU A 56 -18.53 -0.35 -27.92
CA LEU A 56 -17.52 0.69 -28.26
C LEU A 56 -18.02 1.64 -29.35
N PRO A 57 -18.59 1.14 -30.48
CA PRO A 57 -19.01 2.05 -31.55
C PRO A 57 -19.97 3.17 -31.17
N GLY A 58 -20.78 3.00 -30.14
CA GLY A 58 -21.75 4.01 -29.74
C GLY A 58 -21.21 4.93 -28.67
N LEU A 59 -19.98 4.70 -28.21
CA LEU A 59 -19.50 5.48 -27.04
C LEU A 59 -18.97 6.82 -27.50
N ALA A 60 -19.05 7.79 -26.57
CA ALA A 60 -18.45 9.11 -26.78
C ALA A 60 -16.93 8.94 -26.91
N ARG A 61 -16.36 9.53 -27.93
CA ARG A 61 -14.90 9.56 -28.24
C ARG A 61 -14.43 11.01 -28.15
N ILE A 62 -13.30 11.23 -27.50
CA ILE A 62 -12.72 12.57 -27.21
C ILE A 62 -11.29 12.49 -27.72
N PRO A 63 -10.76 13.49 -28.46
CA PRO A 63 -9.35 13.45 -28.82
C PRO A 63 -8.50 13.43 -27.55
N LEU A 64 -7.43 12.67 -27.62
CA LEU A 64 -6.46 12.56 -26.52
C LEU A 64 -5.93 13.96 -26.25
N ALA A 65 -5.80 14.80 -27.27
CA ALA A 65 -5.33 16.20 -27.12
C ALA A 65 -6.20 16.99 -26.13
N GLN A 66 -7.45 16.62 -25.88
CA GLN A 66 -8.43 17.40 -25.10
C GLN A 66 -8.69 16.78 -23.73
N VAL A 67 -7.96 15.72 -23.36
CA VAL A 67 -8.15 15.13 -22.01
C VAL A 67 -6.80 15.17 -21.33
N SER A 68 -6.86 14.97 -20.05
CA SER A 68 -5.71 14.79 -19.15
C SER A 68 -5.67 13.33 -18.68
N LEU A 69 -4.77 12.55 -19.26
CA LEU A 69 -4.63 11.16 -18.83
C LEU A 69 -4.05 11.16 -17.41
N GLU A 70 -4.43 10.17 -16.62
CA GLU A 70 -3.99 10.04 -15.21
C GLU A 70 -3.30 8.71 -15.04
N THR A 71 -2.67 8.51 -13.89
CA THR A 71 -2.08 7.19 -13.60
C THR A 71 -3.23 6.16 -13.62
N PRO A 72 -3.02 4.95 -14.18
CA PRO A 72 -4.16 4.07 -14.41
C PRO A 72 -4.64 3.36 -13.14
N VAL A 73 -3.78 3.18 -12.11
CA VAL A 73 -4.15 2.48 -10.85
C VAL A 73 -3.63 3.34 -9.71
N PRO A 74 -4.46 4.22 -9.17
CA PRO A 74 -3.96 5.19 -8.20
C PRO A 74 -3.68 4.73 -6.79
N TRP A 75 -4.32 3.63 -6.38
CA TRP A 75 -4.17 3.12 -5.00
C TRP A 75 -4.08 1.59 -5.04
N PRO A 76 -2.99 1.04 -5.57
CA PRO A 76 -2.86 -0.40 -5.61
C PRO A 76 -2.65 -0.97 -4.20
N ASN A 77 -2.93 -2.26 -4.04
CA ASN A 77 -2.60 -2.95 -2.76
C ASN A 77 -1.12 -2.78 -2.46
N LYS A 78 -0.25 -2.91 -3.49
CA LYS A 78 1.21 -2.79 -3.35
C LYS A 78 1.85 -2.54 -4.70
N ILE A 79 3.08 -1.99 -4.62
CA ILE A 79 4.00 -1.79 -5.74
C ILE A 79 5.30 -2.52 -5.43
N ILE A 80 5.56 -3.62 -6.09
CA ILE A 80 6.70 -4.50 -5.84
C ILE A 80 7.80 -4.19 -6.84
N ALA A 81 9.02 -3.91 -6.42
CA ALA A 81 10.05 -3.44 -7.37
C ALA A 81 11.25 -4.36 -7.27
N TYR A 82 11.78 -4.80 -8.40
CA TYR A 82 13.02 -5.59 -8.46
C TYR A 82 14.17 -4.66 -8.83
N PRO A 83 15.22 -4.52 -8.02
CA PRO A 83 16.30 -3.63 -8.39
C PRO A 83 17.18 -4.22 -9.49
N VAL A 84 17.78 -3.33 -10.26
CA VAL A 84 18.71 -3.67 -11.37
C VAL A 84 17.98 -4.67 -12.27
N ASN A 85 18.48 -5.88 -12.41
CA ASN A 85 17.69 -6.98 -13.05
C ASN A 85 17.84 -6.93 -14.56
N TYR A 86 18.86 -6.26 -15.12
CA TYR A 86 19.27 -6.40 -16.52
C TYR A 86 20.73 -6.86 -16.63
N HIS A 87 20.98 -7.73 -17.59
CA HIS A 87 22.37 -8.06 -18.03
C HIS A 87 22.99 -6.81 -18.65
N ALA A 88 24.20 -6.49 -18.27
CA ALA A 88 24.96 -5.34 -18.84
C ALA A 88 25.17 -5.49 -20.35
N GLY A 103 16.71 -8.62 -2.56
CA GLY A 103 15.54 -9.06 -3.34
C GLY A 103 14.63 -7.87 -3.62
N PHE A 104 13.34 -8.13 -3.69
CA PHE A 104 12.40 -7.07 -4.10
C PHE A 104 12.24 -6.11 -2.93
N PHE A 105 11.78 -4.94 -3.29
CA PHE A 105 11.39 -3.90 -2.33
C PHE A 105 10.01 -3.37 -2.67
N LEU A 106 9.49 -2.56 -1.81
CA LEU A 106 8.14 -1.98 -1.94
C LEU A 106 8.25 -0.48 -2.13
N LYS A 107 7.37 0.04 -2.98
CA LYS A 107 7.18 1.52 -3.13
C LYS A 107 5.81 1.87 -2.64
N PRO A 108 5.68 3.08 -2.06
CA PRO A 108 4.39 3.46 -1.55
C PRO A 108 3.44 3.93 -2.66
N GLY A 109 2.15 3.64 -2.57
CA GLY A 109 1.19 4.09 -3.57
C GLY A 109 1.13 5.60 -3.72
N SER A 110 1.52 6.33 -2.64
CA SER A 110 1.59 7.77 -2.65
C SER A 110 2.61 8.29 -3.66
N ALA A 111 3.58 7.49 -4.10
CA ALA A 111 4.61 7.96 -5.03
C ALA A 111 4.08 7.96 -6.47
N LEU A 112 2.97 7.26 -6.73
CA LEU A 112 2.43 7.18 -8.10
C LEU A 112 2.13 8.55 -8.65
N SER A 113 2.39 8.72 -9.94
CA SER A 113 2.01 9.97 -10.64
C SER A 113 1.64 9.58 -12.08
N GLY A 114 0.98 10.48 -12.77
CA GLY A 114 0.48 10.17 -14.10
C GLY A 114 1.33 10.78 -15.22
N PRO A 115 0.93 10.51 -16.46
CA PRO A 115 1.65 10.96 -17.64
C PRO A 115 1.60 12.46 -17.85
N THR A 116 0.71 13.20 -17.23
CA THR A 116 0.65 14.66 -17.42
C THR A 116 1.11 15.39 -16.17
N ASP A 117 1.59 14.67 -15.14
CA ASP A 117 1.97 15.30 -13.85
C ASP A 117 3.47 15.47 -13.87
N PRO A 118 4.02 16.58 -13.34
CA PRO A 118 5.46 16.70 -13.26
C PRO A 118 6.10 15.87 -12.15
N VAL A 119 7.30 15.42 -12.38
CA VAL A 119 8.19 14.87 -11.35
C VAL A 119 8.72 16.06 -10.57
N VAL A 120 8.43 16.13 -9.28
CA VAL A 120 8.79 17.27 -8.41
C VAL A 120 9.98 16.90 -7.56
N LEU A 121 11.14 17.52 -7.79
CA LEU A 121 12.39 17.16 -7.11
C LEU A 121 12.44 17.77 -5.70
N PRO A 122 12.74 16.97 -4.66
CA PRO A 122 13.06 17.57 -3.37
C PRO A 122 14.39 18.34 -3.55
N ALA A 123 14.56 19.36 -2.72
CA ALA A 123 15.78 20.18 -2.64
C ALA A 123 16.79 19.46 -1.77
N VAL A 124 17.41 18.38 -2.23
CA VAL A 124 18.21 17.49 -1.34
C VAL A 124 19.65 17.94 -1.46
N PRO A 125 20.16 18.63 -0.41
CA PRO A 125 21.45 19.30 -0.53
C PRO A 125 22.54 18.31 -0.93
N GLY A 126 23.29 18.62 -1.99
CA GLY A 126 24.48 17.85 -2.43
C GLY A 126 24.13 16.51 -3.06
N ARG A 127 22.87 16.24 -3.43
CA ARG A 127 22.50 14.92 -4.03
C ARG A 127 21.76 15.13 -5.36
N GLU A 128 21.80 14.09 -6.18
CA GLU A 128 21.16 14.05 -7.49
C GLU A 128 19.88 13.22 -7.39
N VAL A 129 18.95 13.52 -8.28
CA VAL A 129 17.79 12.61 -8.52
C VAL A 129 18.00 11.95 -9.87
N HIS A 130 17.89 10.62 -9.92
CA HIS A 130 18.15 9.84 -11.15
C HIS A 130 16.86 9.23 -11.69
N HIS A 131 16.78 9.16 -13.00
CA HIS A 131 15.73 8.36 -13.71
C HIS A 131 16.07 6.88 -13.77
N GLU A 132 15.03 6.07 -13.75
CA GLU A 132 15.15 4.62 -14.05
C GLU A 132 13.95 4.20 -14.93
N SER A 133 14.13 3.85 -16.18
CA SER A 133 13.09 3.34 -17.07
C SER A 133 12.79 1.91 -16.71
N GLU A 134 11.51 1.58 -16.57
CA GLU A 134 11.10 0.19 -16.28
C GLU A 134 9.80 -0.20 -16.97
N LEU A 135 9.70 -1.47 -17.26
CA LEU A 135 8.45 -2.14 -17.62
C LEU A 135 7.67 -2.50 -16.36
N ALA A 136 6.42 -2.07 -16.27
CA ALA A 136 5.50 -2.47 -15.19
C ALA A 136 4.62 -3.61 -15.66
N ILE A 137 4.54 -4.62 -14.81
CA ILE A 137 3.54 -5.70 -14.92
C ILE A 137 2.33 -5.28 -14.07
N ILE A 138 1.12 -5.41 -14.60
CA ILE A 138 -0.12 -5.20 -13.82
C ILE A 138 -0.75 -6.55 -13.55
N ILE A 139 -0.91 -6.89 -12.29
CA ILE A 139 -1.54 -8.16 -11.91
C ILE A 139 -3.05 -8.06 -12.14
N GLY A 140 -3.63 -9.20 -12.56
CA GLY A 140 -5.05 -9.27 -12.87
C GLY A 140 -5.87 -10.17 -11.99
N LYS A 141 -5.27 -10.91 -11.08
CA LYS A 141 -6.05 -11.91 -10.33
C LYS A 141 -5.49 -11.99 -8.94
N THR A 142 -6.34 -12.22 -7.95
CA THR A 142 -5.87 -12.53 -6.59
C THR A 142 -5.17 -13.91 -6.64
N CYS A 143 -3.96 -14.00 -6.13
CA CYS A 143 -3.14 -15.20 -6.34
C CYS A 143 -2.04 -15.31 -5.29
N ARG A 144 -1.57 -16.53 -5.06
CA ARG A 144 -0.52 -16.84 -4.10
C ARG A 144 0.24 -18.05 -4.63
N SER A 145 1.55 -18.02 -4.54
CA SER A 145 2.43 -19.16 -4.90
C SER A 145 2.19 -19.59 -6.33
N VAL A 146 2.22 -18.65 -7.27
CA VAL A 146 2.00 -18.94 -8.69
C VAL A 146 3.19 -19.72 -9.23
N ALA A 147 2.90 -20.80 -9.90
CA ALA A 147 3.95 -21.61 -10.57
C ALA A 147 4.41 -20.86 -11.81
N ARG A 148 5.71 -20.98 -12.13
CA ARG A 148 6.26 -20.44 -13.39
C ARG A 148 5.33 -20.74 -14.57
N GLU A 149 4.89 -21.99 -14.69
CA GLU A 149 4.13 -22.42 -15.88
C GLU A 149 2.80 -21.65 -15.99
N ASP A 150 2.26 -21.12 -14.90
CA ASP A 150 0.91 -20.51 -14.87
C ASP A 150 1.00 -18.97 -14.87
N TRP A 151 2.17 -18.39 -15.15
CA TRP A 151 2.35 -16.94 -14.95
C TRP A 151 1.37 -16.12 -15.77
N LYS A 152 1.00 -16.57 -16.96
CA LYS A 152 0.13 -15.77 -17.85
C LYS A 152 -1.26 -15.63 -17.25
N ASP A 153 -1.69 -16.60 -16.45
CA ASP A 153 -3.04 -16.61 -15.84
C ASP A 153 -3.22 -15.35 -14.99
N VAL A 154 -2.14 -14.74 -14.45
CA VAL A 154 -2.32 -13.70 -13.40
C VAL A 154 -1.87 -12.34 -13.89
N VAL A 155 -1.47 -12.16 -15.13
CA VAL A 155 -1.03 -10.87 -15.67
C VAL A 155 -2.14 -10.20 -16.46
N PHE A 156 -2.64 -9.05 -16.00
CA PHE A 156 -3.65 -8.29 -16.75
C PHE A 156 -3.01 -7.59 -17.95
N GLY A 157 -1.85 -6.98 -17.75
CA GLY A 157 -1.26 -6.15 -18.79
C GLY A 157 -0.02 -5.46 -18.31
N TYR A 158 0.37 -4.47 -19.07
CA TYR A 158 1.68 -3.82 -18.93
C TYR A 158 1.55 -2.32 -19.09
N ALA A 159 2.47 -1.60 -18.42
CA ALA A 159 2.55 -0.14 -18.56
C ALA A 159 4.00 0.30 -18.49
N CYS A 160 4.24 1.55 -18.83
CA CYS A 160 5.54 2.21 -18.64
C CYS A 160 5.65 2.75 -17.22
N LEU A 161 6.83 2.66 -16.67
CA LEU A 161 7.08 3.13 -15.27
C LEU A 161 8.43 3.84 -15.20
N LEU A 162 8.43 4.93 -14.44
CA LEU A 162 9.70 5.59 -14.10
C LEU A 162 9.93 5.40 -12.60
N ASP A 163 11.10 4.92 -12.21
CA ASP A 163 11.48 4.69 -10.78
C ASP A 163 12.48 5.77 -10.42
N MET A 164 12.03 6.93 -9.94
CA MET A 164 12.91 8.07 -9.64
C MET A 164 13.53 7.88 -8.26
N VAL A 165 14.78 8.31 -8.13
CA VAL A 165 15.53 7.97 -6.89
C VAL A 165 16.49 9.10 -6.53
N VAL A 166 16.52 9.48 -5.26
CA VAL A 166 17.62 10.33 -4.72
C VAL A 166 18.84 9.45 -4.59
N ARG A 167 19.96 9.79 -5.24
CA ARG A 167 21.17 8.95 -5.17
C ARG A 167 21.87 9.08 -3.79
N GLY A 168 22.42 7.97 -3.27
CA GLY A 168 23.18 7.92 -2.00
C GLY A 168 24.15 6.75 -1.96
N ARG A 172 18.43 3.67 0.78
CA ARG A 172 17.38 3.85 1.82
C ARG A 172 16.01 3.84 1.13
N VAL A 173 15.04 3.09 1.65
CA VAL A 173 13.64 2.98 1.10
C VAL A 173 13.07 4.38 0.87
N PHE A 174 13.32 5.34 1.76
CA PHE A 174 12.66 6.65 1.68
C PHE A 174 13.17 7.38 0.44
N ARG A 175 14.31 7.00 -0.13
CA ARG A 175 14.87 7.79 -1.26
C ARG A 175 14.11 7.45 -2.54
N LYS A 176 13.31 6.38 -2.51
CA LYS A 176 12.44 6.06 -3.66
C LYS A 176 10.99 6.36 -3.31
N ALA A 177 10.71 6.98 -2.17
CA ALA A 177 9.33 7.07 -1.65
C ALA A 177 8.71 8.42 -1.89
N TYR A 178 9.45 9.42 -2.40
CA TYR A 178 8.93 10.80 -2.48
C TYR A 178 7.72 10.84 -3.44
N ASP A 179 6.77 11.70 -3.13
CA ASP A 179 5.67 11.96 -4.07
C ASP A 179 6.25 12.24 -5.47
N THR A 180 5.58 11.71 -6.46
CA THR A 180 5.87 11.88 -7.90
C THR A 180 7.03 11.00 -8.33
N PHE A 181 7.63 10.20 -7.45
CA PHE A 181 8.79 9.36 -7.84
C PHE A 181 8.42 8.05 -8.50
N CYS A 182 7.14 7.80 -8.74
CA CYS A 182 6.74 6.61 -9.48
C CYS A 182 5.71 6.92 -10.58
N PRO A 183 6.08 7.68 -11.61
CA PRO A 183 5.21 7.85 -12.79
C PRO A 183 4.92 6.49 -13.39
N VAL A 184 3.62 6.26 -13.64
CA VAL A 184 3.10 5.04 -14.29
C VAL A 184 2.05 5.48 -15.30
N GLY A 185 2.15 4.99 -16.51
CA GLY A 185 1.21 5.36 -17.56
C GLY A 185 1.78 5.05 -18.92
N PRO A 186 1.17 5.58 -20.00
CA PRO A 186 0.01 6.42 -19.93
C PRO A 186 -1.35 5.69 -19.88
N TRP A 187 -1.32 4.38 -20.02
CA TRP A 187 -2.48 3.48 -20.01
C TRP A 187 -1.93 2.11 -19.68
N ILE A 188 -2.83 1.15 -19.48
CA ILE A 188 -2.42 -0.25 -19.42
C ILE A 188 -2.72 -0.87 -20.77
N THR A 189 -1.72 -1.52 -21.36
CA THR A 189 -1.97 -2.41 -22.52
C THR A 189 -2.24 -3.81 -22.05
N THR A 190 -3.41 -4.36 -22.41
CA THR A 190 -3.81 -5.69 -21.94
C THR A 190 -2.84 -6.74 -22.48
N ALA A 191 -2.61 -7.80 -21.75
CA ALA A 191 -1.58 -8.80 -22.04
C ALA A 191 -1.81 -9.44 -23.41
N ASP A 192 -3.05 -9.65 -23.80
CA ASP A 192 -3.36 -10.30 -25.12
C ASP A 192 -2.76 -9.47 -26.27
N ALA A 193 -2.50 -8.19 -26.10
CA ALA A 193 -2.09 -7.24 -27.17
C ALA A 193 -0.56 -7.20 -27.24
N VAL A 194 0.12 -7.92 -26.37
CA VAL A 194 1.62 -7.96 -26.38
C VAL A 194 2.01 -9.38 -26.78
N ASN A 195 2.73 -9.54 -27.89
CA ASN A 195 3.00 -10.90 -28.40
C ASN A 195 3.85 -11.72 -27.40
N ASP A 196 4.93 -11.11 -26.94
CA ASP A 196 5.90 -11.73 -26.04
C ASP A 196 6.56 -10.61 -25.25
N PRO A 197 6.19 -10.44 -23.97
CA PRO A 197 6.76 -9.32 -23.22
C PRO A 197 8.23 -9.52 -22.84
N ALA A 198 8.84 -10.65 -23.18
CA ALA A 198 10.28 -10.95 -22.98
C ALA A 198 11.10 -10.54 -24.22
N THR A 199 10.52 -9.79 -25.18
CA THR A 199 11.22 -9.39 -26.45
C THR A 199 11.10 -7.90 -26.71
N LEU A 200 10.77 -7.08 -25.70
CA LEU A 200 10.38 -5.70 -25.95
C LEU A 200 11.53 -4.72 -25.78
N ASP A 201 11.65 -3.80 -26.72
N ASP A 201 11.70 -3.82 -26.75
CA ASP A 201 12.61 -2.71 -26.61
CA ASP A 201 12.66 -2.70 -26.63
C ASP A 201 12.06 -1.58 -25.75
C ASP A 201 12.07 -1.61 -25.74
N MET A 202 12.90 -1.11 -24.82
CA MET A 202 12.55 0.00 -23.92
C MET A 202 13.63 1.07 -24.10
N LYS A 203 13.19 2.29 -24.26
CA LYS A 203 14.06 3.47 -24.49
C LYS A 203 13.66 4.58 -23.54
N LEU A 204 14.66 5.34 -23.06
CA LEU A 204 14.42 6.55 -22.28
C LEU A 204 15.36 7.64 -22.80
N TRP A 205 14.75 8.79 -23.02
CA TRP A 205 15.50 10.02 -23.41
C TRP A 205 15.32 11.02 -22.30
N VAL A 206 16.36 11.81 -22.08
CA VAL A 206 16.25 13.04 -21.27
C VAL A 206 16.44 14.18 -22.28
N ASN A 207 15.43 15.01 -22.43
CA ASN A 207 15.43 16.02 -23.53
C ASN A 207 15.67 15.26 -24.84
N ASP A 208 16.66 15.67 -25.63
CA ASP A 208 16.87 15.04 -26.94
C ASP A 208 17.73 13.79 -26.92
N ASP A 209 18.42 13.52 -25.80
CA ASP A 209 19.50 12.51 -25.73
C ASP A 209 18.99 11.16 -25.22
N LEU A 210 19.29 10.10 -25.92
CA LEU A 210 19.00 8.72 -25.49
C LEU A 210 19.87 8.42 -24.26
N ARG A 211 19.26 7.99 -23.15
CA ARG A 211 20.05 7.69 -21.93
C ARG A 211 19.97 6.24 -21.51
N GLN A 212 18.82 5.57 -21.75
CA GLN A 212 18.70 4.13 -21.48
C GLN A 212 18.06 3.44 -22.66
N LYS A 213 18.55 2.25 -22.97
CA LYS A 213 17.97 1.43 -24.04
C LYS A 213 18.31 -0.02 -23.79
N ALA A 214 17.29 -0.87 -23.76
CA ALA A 214 17.51 -2.29 -23.50
C ALA A 214 16.32 -3.04 -24.07
N ASN A 215 16.46 -4.35 -24.06
CA ASN A 215 15.36 -5.23 -24.45
C ASN A 215 15.07 -6.13 -23.24
N THR A 216 13.81 -6.43 -22.98
CA THR A 216 13.44 -7.28 -21.84
C THR A 216 13.91 -8.72 -21.98
N ARG A 217 14.49 -9.10 -23.14
CA ARG A 217 15.14 -10.42 -23.21
C ARG A 217 16.32 -10.45 -22.24
N ASP A 218 16.84 -9.32 -21.82
CA ASP A 218 18.03 -9.24 -20.95
C ASP A 218 17.66 -9.13 -19.47
N LEU A 219 16.39 -9.32 -19.10
CA LEU A 219 16.03 -9.41 -17.67
C LEU A 219 16.81 -10.57 -17.07
N VAL A 220 17.32 -10.35 -15.87
CA VAL A 220 18.07 -11.43 -15.15
C VAL A 220 17.06 -12.43 -14.56
N LEU A 221 16.19 -11.95 -13.69
CA LEU A 221 15.02 -12.69 -13.17
C LEU A 221 13.88 -12.34 -14.08
N ASP A 222 13.37 -13.32 -14.87
CA ASP A 222 12.43 -13.06 -15.94
C ASP A 222 11.03 -12.78 -15.36
N ILE A 223 10.09 -12.52 -16.26
CA ILE A 223 8.73 -12.10 -15.81
C ILE A 223 8.08 -13.23 -15.03
N PRO A 224 8.10 -14.51 -15.48
CA PRO A 224 7.52 -15.57 -14.66
C PRO A 224 8.23 -15.77 -13.32
N GLY A 225 9.54 -15.58 -13.29
CA GLY A 225 10.34 -15.62 -12.07
C GLY A 225 9.95 -14.52 -11.07
N MET A 226 9.72 -13.33 -11.59
CA MET A 226 9.37 -12.20 -10.70
C MET A 226 7.95 -12.47 -10.13
N ILE A 227 7.05 -13.03 -10.91
CA ILE A 227 5.67 -13.30 -10.43
C ILE A 227 5.73 -14.45 -9.43
N ALA A 228 6.48 -15.51 -9.74
CA ALA A 228 6.56 -16.66 -8.82
C ALA A 228 7.18 -16.22 -7.49
N THR A 229 8.19 -15.36 -7.52
CA THR A 229 8.93 -14.92 -6.34
C THR A 229 7.98 -14.07 -5.49
N ALA A 230 7.38 -13.07 -6.10
CA ALA A 230 6.59 -12.11 -5.30
C ALA A 230 5.42 -12.86 -4.66
N SER A 231 4.73 -13.69 -5.44
CA SER A 231 3.54 -14.43 -4.96
C SER A 231 3.92 -15.54 -3.99
N ALA A 232 5.17 -16.01 -3.95
CA ALA A 232 5.62 -16.94 -2.91
C ALA A 232 5.57 -16.28 -1.54
N VAL A 233 5.72 -14.98 -1.46
CA VAL A 233 5.75 -14.27 -0.17
C VAL A 233 4.40 -13.64 0.13
N MET A 234 3.79 -13.05 -0.89
CA MET A 234 2.59 -12.20 -0.70
C MET A 234 1.45 -12.66 -1.59
N THR A 235 0.23 -12.58 -1.08
CA THR A 235 -0.94 -12.70 -1.95
C THR A 235 -0.97 -11.49 -2.85
N LEU A 236 -0.94 -11.68 -4.15
CA LEU A 236 -1.04 -10.55 -5.09
C LEU A 236 -2.53 -10.27 -5.31
N GLN A 237 -2.82 -9.04 -5.74
CA GLN A 237 -4.18 -8.57 -6.01
C GLN A 237 -4.30 -7.91 -7.37
N PRO A 238 -5.48 -7.96 -8.00
CA PRO A 238 -5.76 -7.17 -9.21
C PRO A 238 -5.29 -5.72 -8.99
N GLY A 239 -4.53 -5.19 -9.96
CA GLY A 239 -4.02 -3.81 -9.89
C GLY A 239 -2.61 -3.69 -9.33
N ASP A 240 -2.10 -4.76 -8.71
CA ASP A 240 -0.74 -4.67 -8.14
C ASP A 240 0.22 -4.38 -9.30
N ILE A 241 1.23 -3.59 -9.01
CA ILE A 241 2.27 -3.19 -10.00
C ILE A 241 3.55 -3.87 -9.61
N ILE A 242 4.17 -4.58 -10.57
CA ILE A 242 5.54 -5.10 -10.42
C ILE A 242 6.47 -4.33 -11.34
N ALA A 243 7.39 -3.57 -10.73
CA ALA A 243 8.43 -2.84 -11.45
C ALA A 243 9.55 -3.81 -11.71
N THR A 244 9.90 -4.03 -12.97
CA THR A 244 10.74 -5.19 -13.36
C THR A 244 12.25 -4.89 -13.39
N GLY A 245 12.71 -3.72 -13.07
CA GLY A 245 14.14 -3.43 -13.11
C GLY A 245 14.49 -2.35 -14.13
N THR A 246 15.76 -1.98 -14.15
CA THR A 246 16.21 -0.88 -15.04
C THR A 246 17.56 -1.27 -15.62
N PRO A 247 17.83 -0.92 -16.87
CA PRO A 247 19.13 -1.21 -17.45
C PRO A 247 20.15 -0.14 -17.06
N GLU A 248 21.33 -0.24 -17.69
CA GLU A 248 22.36 0.81 -17.53
C GLU A 248 21.89 2.16 -18.07
N GLY A 249 22.65 3.17 -17.71
CA GLY A 249 22.32 4.51 -18.20
C GLY A 249 21.56 5.34 -17.20
N VAL A 250 21.28 4.85 -15.99
CA VAL A 250 20.63 5.63 -14.91
C VAL A 250 21.44 6.90 -14.75
N GLY A 251 20.77 8.04 -14.69
CA GLY A 251 21.49 9.31 -14.55
C GLY A 251 20.57 10.43 -14.12
N PRO A 252 21.16 11.61 -13.90
CA PRO A 252 20.44 12.70 -13.28
C PRO A 252 19.47 13.47 -14.15
N VAL A 253 18.44 13.99 -13.46
CA VAL A 253 17.48 14.93 -14.04
C VAL A 253 17.52 16.20 -13.20
N VAL A 254 17.23 17.29 -13.87
CA VAL A 254 17.19 18.61 -13.22
C VAL A 254 15.97 19.35 -13.70
N ASP A 255 15.72 20.44 -13.00
CA ASP A 255 14.58 21.34 -13.28
C ASP A 255 14.60 21.72 -14.76
N GLY A 256 13.45 21.57 -15.41
CA GLY A 256 13.25 21.89 -16.83
C GLY A 256 13.44 20.71 -17.78
N ASP A 257 13.99 19.60 -17.31
CA ASP A 257 14.17 18.39 -18.14
C ASP A 257 12.82 17.78 -18.52
N ARG A 258 12.81 17.05 -19.61
CA ARG A 258 11.62 16.28 -20.03
C ARG A 258 12.08 14.86 -20.25
N ILE A 259 11.47 13.93 -19.50
CA ILE A 259 11.85 12.51 -19.60
C ILE A 259 10.84 11.84 -20.53
N ARG A 260 11.30 11.15 -21.54
CA ARG A 260 10.45 10.37 -22.45
C ARG A 260 10.82 8.89 -22.34
N ILE A 261 9.81 8.05 -22.09
CA ILE A 261 9.98 6.59 -22.09
C ILE A 261 9.07 5.99 -23.17
N VAL A 262 9.65 5.06 -23.90
CA VAL A 262 8.92 4.23 -24.89
C VAL A 262 9.17 2.78 -24.57
N ILE A 263 8.10 1.98 -24.49
CA ILE A 263 8.25 0.51 -24.50
C ILE A 263 7.42 0.05 -25.66
N ASP A 264 8.14 -0.57 -26.58
CA ASP A 264 7.44 -1.10 -27.78
C ASP A 264 6.29 -2.02 -27.38
N GLN A 265 5.16 -1.87 -28.05
CA GLN A 265 3.92 -2.66 -27.88
C GLN A 265 3.19 -2.29 -26.60
N VAL A 266 3.80 -1.46 -25.75
CA VAL A 266 3.19 -1.18 -24.41
C VAL A 266 2.71 0.29 -24.30
N GLY A 267 3.60 1.25 -24.51
CA GLY A 267 3.18 2.65 -24.49
C GLY A 267 4.33 3.61 -24.54
N GLU A 268 3.98 4.87 -24.42
CA GLU A 268 4.98 5.96 -24.45
C GLU A 268 4.44 7.04 -23.55
N MET A 269 5.31 7.67 -22.75
CA MET A 269 4.89 8.88 -22.04
C MET A 269 6.11 9.77 -21.82
N ALA A 270 5.80 11.03 -21.62
CA ALA A 270 6.82 12.03 -21.31
C ALA A 270 6.32 12.87 -20.15
N VAL A 271 7.24 13.17 -19.26
CA VAL A 271 6.94 13.99 -18.05
C VAL A 271 8.00 15.05 -17.89
N ASP A 272 7.56 16.18 -17.40
CA ASP A 272 8.39 17.34 -17.07
C ASP A 272 8.98 17.15 -15.69
N VAL A 273 10.15 17.69 -15.48
CA VAL A 273 10.83 17.69 -14.17
C VAL A 273 10.84 19.12 -13.65
N VAL A 274 10.37 19.31 -12.42
N VAL A 274 10.40 19.33 -12.42
CA VAL A 274 10.31 20.66 -11.78
CA VAL A 274 10.38 20.69 -11.81
C VAL A 274 11.08 20.57 -10.45
C VAL A 274 11.04 20.60 -10.44
N GLN A 275 11.83 21.60 -10.08
CA GLN A 275 12.43 21.69 -8.73
C GLN A 275 11.34 22.12 -7.74
N GLY A 276 11.16 21.39 -6.64
CA GLY A 276 10.14 21.71 -5.61
C GLY A 276 10.56 22.89 -4.74
N MET B 1 -13.65 6.28 21.38
CA MET B 1 -14.61 5.39 20.71
C MET B 1 -13.77 4.26 20.11
N ARG B 2 -14.29 3.07 20.07
CA ARG B 2 -13.57 1.91 19.49
C ARG B 2 -14.33 1.49 18.25
N LEU B 3 -13.62 1.52 17.12
CA LEU B 3 -14.24 1.25 15.81
C LEU B 3 -13.62 -0.06 15.28
N ALA B 4 -14.47 -0.94 14.81
CA ALA B 4 -14.06 -2.29 14.38
C ALA B 4 -14.75 -2.66 13.09
N ARG B 5 -14.09 -3.60 12.40
CA ARG B 5 -14.68 -4.33 11.26
C ARG B 5 -14.97 -5.73 11.79
N PHE B 6 -16.06 -6.31 11.28
CA PHE B 6 -16.48 -7.67 11.69
C PHE B 6 -17.38 -8.28 10.65
N ASP B 7 -17.38 -9.61 10.71
CA ASP B 7 -18.32 -10.49 9.97
C ASP B 7 -18.41 -10.06 8.52
N GLY B 8 -17.30 -9.96 7.79
CA GLY B 8 -17.29 -9.58 6.39
C GLY B 8 -17.46 -8.12 6.11
N GLY B 9 -16.77 -7.30 6.88
CA GLY B 9 -16.62 -5.88 6.57
C GLY B 9 -17.78 -5.05 7.11
N ARG B 10 -18.61 -5.59 7.97
CA ARG B 10 -19.51 -4.69 8.73
C ARG B 10 -18.64 -3.75 9.55
N LEU B 11 -19.16 -2.57 9.83
CA LEU B 11 -18.55 -1.60 10.74
C LEU B 11 -19.31 -1.55 12.05
N GLY B 12 -18.55 -1.54 13.14
CA GLY B 12 -19.17 -1.55 14.46
C GLY B 12 -18.46 -0.64 15.43
N VAL B 13 -19.21 -0.27 16.44
CA VAL B 13 -18.68 0.42 17.65
C VAL B 13 -18.62 -0.57 18.79
N VAL B 14 -17.50 -0.69 19.44
CA VAL B 14 -17.30 -1.70 20.50
C VAL B 14 -17.64 -1.02 21.79
N ILE B 15 -18.61 -1.62 22.50
CA ILE B 15 -19.17 -1.05 23.74
C ILE B 15 -19.11 -2.14 24.83
N GLY B 16 -18.20 -1.97 25.76
CA GLY B 16 -17.90 -3.03 26.74
C GLY B 16 -17.55 -4.30 26.01
N ASP B 17 -18.33 -5.36 26.18
CA ASP B 17 -18.07 -6.72 25.64
C ASP B 17 -19.01 -6.97 24.50
N GLU B 18 -19.57 -5.90 23.92
CA GLU B 18 -20.51 -6.00 22.81
C GLU B 18 -20.10 -5.07 21.66
N ILE B 19 -20.74 -5.28 20.54
CA ILE B 19 -20.55 -4.40 19.36
C ILE B 19 -21.91 -4.01 18.80
N ALA B 20 -22.03 -2.74 18.39
CA ALA B 20 -23.21 -2.20 17.72
C ALA B 20 -22.85 -1.96 16.25
N ASP B 21 -23.68 -2.47 15.37
CA ASP B 21 -23.50 -2.41 13.92
C ASP B 21 -23.85 -1.01 13.45
N ILE B 22 -22.89 -0.27 12.89
CA ILE B 22 -23.13 1.10 12.35
C ILE B 22 -22.99 1.13 10.82
N THR B 23 -23.02 -0.03 10.15
CA THR B 23 -22.86 -0.16 8.70
C THR B 23 -23.90 0.73 7.98
N ALA B 24 -25.17 0.59 8.33
CA ALA B 24 -26.24 1.30 7.55
C ALA B 24 -26.15 2.80 7.81
N LEU B 25 -25.90 3.21 9.05
CA LEU B 25 -25.95 4.67 9.33
C LEU B 25 -24.73 5.38 8.74
N THR B 26 -23.61 4.68 8.53
CA THR B 26 -22.40 5.31 7.94
C THR B 26 -22.44 5.23 6.42
N GLY B 27 -23.38 4.51 5.85
CA GLY B 27 -23.47 4.39 4.39
C GLY B 27 -22.46 3.37 3.89
N ALA B 28 -21.88 2.55 4.79
CA ALA B 28 -20.91 1.50 4.34
C ALA B 28 -21.61 0.39 3.56
N ASP B 29 -20.88 -0.21 2.61
CA ASP B 29 -21.32 -1.38 1.82
C ASP B 29 -20.41 -2.55 2.15
N PRO B 30 -20.80 -3.51 2.98
CA PRO B 30 -19.90 -4.60 3.36
C PRO B 30 -19.50 -5.52 2.20
N ALA B 31 -20.21 -5.44 1.08
CA ALA B 31 -19.89 -6.25 -0.13
C ALA B 31 -18.84 -5.52 -0.96
N GLN B 32 -18.48 -4.29 -0.61
CA GLN B 32 -17.54 -3.42 -1.36
C GLN B 32 -16.23 -4.18 -1.53
N TRP B 33 -15.70 -4.20 -2.74
CA TRP B 33 -14.35 -4.78 -2.97
C TRP B 33 -13.63 -3.88 -3.96
N PRO B 34 -12.41 -3.40 -3.68
CA PRO B 34 -11.71 -3.57 -2.41
C PRO B 34 -12.50 -2.87 -1.30
N ASP B 35 -12.37 -3.36 -0.08
CA ASP B 35 -13.18 -2.84 1.04
C ASP B 35 -12.44 -1.64 1.62
N MET B 36 -12.96 -0.44 1.30
CA MET B 36 -12.40 0.86 1.76
C MET B 36 -13.36 1.54 2.73
N ASN B 37 -14.26 0.80 3.33
CA ASN B 37 -15.34 1.42 4.17
C ASN B 37 -14.75 2.09 5.40
N MET B 38 -13.79 1.47 6.10
CA MET B 38 -13.23 2.13 7.30
C MET B 38 -12.47 3.38 6.90
N ILE B 39 -11.74 3.38 5.78
CA ILE B 39 -11.07 4.61 5.35
C ILE B 39 -12.06 5.74 5.18
N ARG B 40 -13.18 5.50 4.50
CA ARG B 40 -14.17 6.55 4.29
C ARG B 40 -14.74 6.98 5.64
N LEU B 41 -14.99 6.07 6.55
CA LEU B 41 -15.51 6.47 7.88
C LEU B 41 -14.46 7.33 8.57
N ILE B 42 -13.18 6.98 8.47
CA ILE B 42 -12.11 7.78 9.13
C ILE B 42 -12.12 9.20 8.54
N ARG B 43 -12.17 9.30 7.23
N ARG B 43 -12.15 9.30 7.20
CA ARG B 43 -12.08 10.63 6.58
CA ARG B 43 -12.16 10.59 6.43
C ARG B 43 -13.24 11.49 7.08
C ARG B 43 -13.24 11.47 7.05
N ASP B 44 -14.42 10.89 7.24
CA ASP B 44 -15.66 11.61 7.59
C ASP B 44 -15.97 11.55 9.09
N PHE B 45 -15.08 11.06 9.94
CA PHE B 45 -15.51 10.68 11.30
C PHE B 45 -16.02 11.89 12.08
N GLU B 46 -15.33 13.02 12.01
CA GLU B 46 -15.74 14.18 12.87
C GLU B 46 -17.14 14.61 12.43
N GLY B 47 -17.47 14.41 11.15
CA GLY B 47 -18.80 14.69 10.63
C GLY B 47 -19.87 13.68 10.98
N LEU B 48 -19.53 12.41 11.30
CA LEU B 48 -20.43 11.29 11.59
C LEU B 48 -20.46 10.88 13.06
N ARG B 49 -19.55 11.38 13.86
N ARG B 49 -19.55 11.39 13.88
CA ARG B 49 -19.43 11.02 15.29
CA ARG B 49 -19.43 10.98 15.31
C ARG B 49 -20.77 11.25 16.01
C ARG B 49 -20.76 11.27 16.03
N GLY B 50 -21.39 12.42 15.76
CA GLY B 50 -22.68 12.77 16.39
C GLY B 50 -23.79 11.84 15.96
N ALA B 51 -23.83 11.43 14.70
CA ALA B 51 -24.86 10.54 14.19
C ALA B 51 -24.68 9.17 14.87
N ILE B 52 -23.41 8.71 15.01
CA ILE B 52 -23.16 7.43 15.71
C ILE B 52 -23.68 7.56 17.16
N GLU B 53 -23.29 8.61 17.86
CA GLU B 53 -23.65 8.78 19.31
C GLU B 53 -25.18 8.81 19.45
N ALA B 54 -25.86 9.50 18.54
CA ALA B 54 -27.34 9.58 18.62
C ALA B 54 -28.02 8.25 18.32
N ALA B 55 -27.41 7.44 17.45
CA ALA B 55 -28.03 6.17 17.04
C ALA B 55 -27.83 5.11 18.14
N LEU B 56 -26.73 5.18 18.87
CA LEU B 56 -26.25 4.03 19.69
C LEU B 56 -27.35 3.56 20.64
N PRO B 57 -28.10 4.45 21.35
CA PRO B 57 -29.14 3.96 22.25
C PRO B 57 -30.14 3.01 21.57
N GLY B 58 -30.44 3.18 20.28
CA GLY B 58 -31.41 2.42 19.48
C GLY B 58 -30.85 1.19 18.80
N LEU B 59 -29.53 0.98 18.83
CA LEU B 59 -28.92 -0.16 18.10
C LEU B 59 -28.85 -1.40 18.98
N ALA B 60 -29.14 -2.53 18.36
CA ALA B 60 -28.96 -3.88 18.92
C ALA B 60 -27.49 -4.08 19.23
N ARG B 61 -27.17 -4.58 20.41
CA ARG B 61 -25.76 -4.87 20.79
C ARG B 61 -25.54 -6.38 20.66
N ILE B 62 -24.52 -6.77 19.92
CA ILE B 62 -24.15 -8.19 19.67
C ILE B 62 -22.97 -8.50 20.58
N PRO B 63 -22.99 -9.63 21.33
CA PRO B 63 -21.83 -10.00 22.14
C PRO B 63 -20.64 -10.26 21.23
N LEU B 64 -19.50 -9.73 21.63
CA LEU B 64 -18.22 -9.88 20.90
C LEU B 64 -17.96 -11.37 20.71
N ALA B 65 -18.36 -12.19 21.68
CA ALA B 65 -18.20 -13.66 21.62
C ALA B 65 -18.84 -14.19 20.34
N GLN B 66 -19.86 -13.51 19.79
CA GLN B 66 -20.69 -14.06 18.68
C GLN B 66 -20.24 -13.51 17.34
N VAL B 67 -19.18 -12.68 17.29
CA VAL B 67 -18.75 -12.07 16.00
C VAL B 67 -17.28 -12.45 15.80
N SER B 68 -16.84 -12.26 14.58
CA SER B 68 -15.40 -12.39 14.22
C SER B 68 -14.82 -11.04 13.87
N LEU B 69 -14.05 -10.47 14.81
CA LEU B 69 -13.38 -9.17 14.56
C LEU B 69 -12.37 -9.40 13.43
N GLU B 70 -12.27 -8.40 12.57
CA GLU B 70 -11.36 -8.37 11.39
C GLU B 70 -10.35 -7.23 11.57
N THR B 71 -9.30 -7.21 10.75
CA THR B 71 -8.36 -6.10 10.83
C THR B 71 -9.16 -4.85 10.43
N PRO B 72 -8.92 -3.72 11.09
CA PRO B 72 -9.80 -2.57 10.88
C PRO B 72 -9.62 -1.84 9.55
N VAL B 73 -8.42 -1.87 8.95
CA VAL B 73 -8.13 -1.17 7.66
C VAL B 73 -7.46 -2.19 6.74
N PRO B 74 -8.20 -2.89 5.88
CA PRO B 74 -7.59 -4.03 5.15
C PRO B 74 -6.70 -3.68 3.95
N TRP B 75 -6.88 -2.47 3.42
CA TRP B 75 -6.16 -2.03 2.21
C TRP B 75 -5.76 -0.56 2.35
N PRO B 76 -4.83 -0.25 3.24
CA PRO B 76 -4.36 1.10 3.44
C PRO B 76 -3.60 1.56 2.19
N ASN B 77 -3.43 2.87 2.05
CA ASN B 77 -2.53 3.39 1.00
C ASN B 77 -1.12 2.87 1.25
N LYS B 78 -0.69 2.82 2.53
CA LYS B 78 0.62 2.38 2.91
C LYS B 78 0.69 2.01 4.38
N ILE B 79 1.72 1.24 4.72
CA ILE B 79 2.10 0.86 6.10
C ILE B 79 3.55 1.25 6.26
N ILE B 80 3.79 2.27 7.05
CA ILE B 80 5.10 2.87 7.30
C ILE B 80 5.63 2.38 8.63
N ALA B 81 6.79 1.75 8.65
CA ALA B 81 7.32 1.17 9.89
C ALA B 81 8.67 1.80 10.27
N TYR B 82 8.84 2.13 11.53
CA TYR B 82 10.11 2.63 12.09
C TYR B 82 10.78 1.50 12.82
N PRO B 83 12.00 1.10 12.43
CA PRO B 83 12.64 -0.01 13.11
C PRO B 83 13.06 0.39 14.51
N VAL B 84 13.20 -0.59 15.41
N VAL B 84 13.20 -0.59 15.41
CA VAL B 84 13.70 -0.43 16.81
CA VAL B 84 13.77 -0.39 16.77
C VAL B 84 13.00 0.77 17.48
C VAL B 84 13.02 0.77 17.46
N ASN B 85 13.62 1.94 17.67
CA ASN B 85 12.90 3.16 18.13
C ASN B 85 12.50 3.21 19.62
N TYR B 86 13.10 2.35 20.48
CA TYR B 86 12.98 2.46 21.94
C TYR B 86 14.34 2.51 22.60
N HIS B 87 14.45 3.36 23.60
CA HIS B 87 15.63 3.37 24.50
C HIS B 87 15.59 2.08 25.30
N ALA B 88 16.72 1.36 25.36
CA ALA B 88 16.83 0.09 26.14
C ALA B 88 16.77 0.40 27.64
N HIS B 89 17.28 1.57 28.05
CA HIS B 89 17.23 2.09 29.44
C HIS B 89 16.07 3.10 29.54
N GLY B 90 14.97 2.62 30.13
CA GLY B 90 13.71 3.36 30.28
C GLY B 90 13.83 4.52 31.24
N ARG B 91 13.14 5.61 30.93
CA ARG B 91 13.23 6.82 31.77
C ARG B 91 12.11 7.79 31.40
N GLU B 92 12.35 8.61 30.36
CA GLU B 92 11.43 9.70 29.95
C GLU B 92 11.64 10.12 28.50
N ASN B 101 20.90 1.99 10.93
CA ASN B 101 19.44 2.29 10.79
C ASN B 101 19.22 2.90 9.41
N GLN B 102 18.53 2.19 8.53
CA GLN B 102 18.36 2.61 7.12
C GLN B 102 16.98 3.24 6.92
N GLY B 103 16.31 3.60 8.02
CA GLY B 103 15.22 4.58 8.01
C GLY B 103 13.87 3.87 8.09
N PHE B 104 12.81 4.61 7.89
CA PHE B 104 11.48 3.95 7.86
C PHE B 104 11.47 3.02 6.65
N PHE B 105 10.63 2.01 6.75
CA PHE B 105 10.43 1.07 5.64
C PHE B 105 8.94 0.83 5.46
N LEU B 106 8.61 0.12 4.44
CA LEU B 106 7.20 -0.11 4.06
C LEU B 106 6.87 -1.57 4.21
N LYS B 107 5.65 -1.84 4.62
N LYS B 107 5.69 -1.89 4.77
CA LYS B 107 5.13 -3.22 4.65
CA LYS B 107 5.10 -3.25 4.81
C LYS B 107 3.97 -3.30 3.70
C LYS B 107 4.00 -3.32 3.76
N PRO B 108 3.79 -4.45 3.05
CA PRO B 108 2.72 -4.59 2.08
C PRO B 108 1.37 -4.75 2.79
N GLY B 109 0.31 -4.14 2.27
CA GLY B 109 -1.06 -4.33 2.78
C GLY B 109 -1.44 -5.78 2.86
N SER B 110 -0.91 -6.60 1.95
CA SER B 110 -1.19 -8.03 1.90
C SER B 110 -0.77 -8.72 3.17
N ALA B 111 0.11 -8.16 3.96
CA ALA B 111 0.60 -8.81 5.20
C ALA B 111 -0.38 -8.61 6.38
N LEU B 112 -1.31 -7.69 6.23
CA LEU B 112 -2.27 -7.41 7.34
C LEU B 112 -3.06 -8.64 7.67
N SER B 113 -3.36 -8.77 8.97
N SER B 113 -3.34 -8.83 8.96
CA SER B 113 -4.10 -9.92 9.55
CA SER B 113 -4.23 -9.91 9.43
C SER B 113 -4.95 -9.38 10.69
C SER B 113 -4.98 -9.38 10.65
N GLY B 114 -6.05 -10.08 10.99
CA GLY B 114 -6.95 -9.61 12.04
C GLY B 114 -6.71 -10.35 13.34
N PRO B 115 -7.44 -9.90 14.38
CA PRO B 115 -7.23 -10.40 15.74
C PRO B 115 -7.72 -11.83 15.93
N THR B 116 -8.43 -12.43 15.01
CA THR B 116 -8.94 -13.83 15.11
C THR B 116 -8.25 -14.72 14.09
N ASP B 117 -7.29 -14.21 13.31
CA ASP B 117 -6.64 -14.96 12.23
C ASP B 117 -5.33 -15.47 12.77
N PRO B 118 -4.86 -16.69 12.44
CA PRO B 118 -3.54 -17.10 12.89
C PRO B 118 -2.40 -16.46 12.09
N VAL B 119 -1.26 -16.31 12.74
CA VAL B 119 0.03 -16.04 12.10
C VAL B 119 0.50 -17.37 11.55
N VAL B 120 0.73 -17.42 10.24
CA VAL B 120 1.06 -18.66 9.50
C VAL B 120 2.55 -18.59 9.21
N LEU B 121 3.34 -19.47 9.81
CA LEU B 121 4.81 -19.43 9.67
C LEU B 121 5.22 -20.06 8.34
N PRO B 122 6.03 -19.35 7.52
CA PRO B 122 6.63 -20.00 6.36
C PRO B 122 7.55 -21.11 6.89
N ALA B 123 7.73 -22.15 6.09
CA ALA B 123 8.66 -23.28 6.36
C ALA B 123 10.08 -22.80 6.15
N VAL B 124 10.81 -22.42 7.19
CA VAL B 124 12.21 -21.91 7.05
C VAL B 124 13.12 -22.69 8.00
N PRO B 125 13.37 -24.00 7.76
CA PRO B 125 14.34 -24.79 8.54
C PRO B 125 15.69 -24.08 8.64
N GLY B 126 16.27 -24.02 9.84
CA GLY B 126 17.49 -23.24 10.13
C GLY B 126 17.20 -21.81 10.50
N ARG B 127 15.96 -21.30 10.34
CA ARG B 127 15.65 -19.90 10.67
C ARG B 127 14.44 -19.82 11.60
N GLU B 128 14.33 -18.70 12.28
CA GLU B 128 13.26 -18.46 13.27
C GLU B 128 12.37 -17.32 12.77
N VAL B 129 11.12 -17.28 13.22
CA VAL B 129 10.22 -16.14 13.02
C VAL B 129 10.08 -15.48 14.39
N HIS B 130 10.29 -14.17 14.44
CA HIS B 130 10.23 -13.42 15.70
C HIS B 130 9.00 -12.52 15.71
N HIS B 131 8.50 -12.31 16.91
CA HIS B 131 7.49 -11.29 17.22
C HIS B 131 8.14 -9.94 17.45
N GLU B 132 7.36 -8.90 17.11
CA GLU B 132 7.67 -7.51 17.49
C GLU B 132 6.39 -6.81 17.91
N SER B 133 6.24 -6.46 19.18
CA SER B 133 5.05 -5.69 19.65
C SER B 133 5.23 -4.24 19.24
N GLU B 134 4.18 -3.61 18.66
CA GLU B 134 4.26 -2.16 18.33
C GLU B 134 2.90 -1.49 18.56
N LEU B 135 2.97 -0.22 18.87
CA LEU B 135 1.85 0.71 18.79
C LEU B 135 1.69 1.13 17.32
N ALA B 136 0.49 1.05 16.79
CA ALA B 136 0.15 1.60 15.48
C ALA B 136 -0.57 2.94 15.63
N ILE B 137 -0.13 3.92 14.85
CA ILE B 137 -0.85 5.21 14.61
C ILE B 137 -1.66 5.08 13.33
N ILE B 138 -2.92 5.44 13.40
CA ILE B 138 -3.81 5.47 12.23
C ILE B 138 -3.97 6.92 11.80
N ILE B 139 -3.57 7.23 10.60
CA ILE B 139 -3.71 8.62 10.09
C ILE B 139 -5.18 8.90 9.77
N GLY B 140 -5.57 10.16 10.00
CA GLY B 140 -6.96 10.60 9.80
C GLY B 140 -7.20 11.60 8.69
N LYS B 141 -6.15 12.14 8.09
CA LYS B 141 -6.26 13.25 7.14
C LYS B 141 -5.25 13.09 6.02
N THR B 142 -5.61 13.47 4.81
CA THR B 142 -4.64 13.64 3.70
C THR B 142 -3.71 14.78 4.07
N CYS B 143 -2.41 14.57 4.08
CA CYS B 143 -1.49 15.59 4.59
C CYS B 143 -0.09 15.36 4.03
N ARG B 144 0.70 16.44 4.05
CA ARG B 144 2.08 16.44 3.55
C ARG B 144 2.86 17.50 4.36
N SER B 145 4.09 17.19 4.70
CA SER B 145 5.02 18.15 5.38
C SER B 145 4.32 18.67 6.62
N VAL B 146 3.81 17.77 7.44
CA VAL B 146 3.18 18.14 8.73
C VAL B 146 4.29 18.60 9.71
N ALA B 147 4.12 19.79 10.29
CA ALA B 147 5.07 20.27 11.31
C ALA B 147 4.89 19.42 12.57
N ARG B 148 5.95 19.19 13.33
CA ARG B 148 5.86 18.46 14.62
C ARG B 148 4.74 19.05 15.48
N GLU B 149 4.58 20.38 15.53
CA GLU B 149 3.60 21.00 16.46
C GLU B 149 2.16 20.73 16.04
N ASP B 150 1.92 20.29 14.79
CA ASP B 150 0.56 20.08 14.23
C ASP B 150 0.24 18.59 14.18
N TRP B 151 1.04 17.76 14.83
CA TRP B 151 0.82 16.28 14.70
C TRP B 151 -0.59 15.85 15.05
N LYS B 152 -1.23 16.44 16.07
CA LYS B 152 -2.50 15.91 16.57
C LYS B 152 -3.57 16.07 15.51
N ASP B 153 -3.44 17.05 14.62
CA ASP B 153 -4.45 17.34 13.59
C ASP B 153 -4.60 16.16 12.63
N VAL B 154 -3.60 15.28 12.55
CA VAL B 154 -3.63 14.27 11.44
C VAL B 154 -3.77 12.88 12.02
N VAL B 155 -3.79 12.69 13.33
CA VAL B 155 -3.89 11.34 13.94
C VAL B 155 -5.34 11.01 14.21
N PHE B 156 -5.89 10.00 13.57
CA PHE B 156 -7.23 9.49 13.87
C PHE B 156 -7.27 8.73 15.18
N GLY B 157 -6.34 7.82 15.39
CA GLY B 157 -6.39 6.92 16.54
C GLY B 157 -5.27 5.91 16.46
N TYR B 158 -5.43 4.87 17.27
CA TYR B 158 -4.36 3.94 17.64
C TYR B 158 -4.90 2.53 17.62
N ALA B 159 -3.98 1.60 17.34
CA ALA B 159 -4.25 0.17 17.38
C ALA B 159 -3.04 -0.60 17.82
N CYS B 160 -3.24 -1.86 18.16
CA CYS B 160 -2.13 -2.80 18.43
C CYS B 160 -1.61 -3.41 17.13
N LEU B 161 -0.30 -3.63 17.03
CA LEU B 161 0.31 -4.18 15.83
C LEU B 161 1.39 -5.18 16.22
N LEU B 162 1.44 -6.29 15.47
CA LEU B 162 2.54 -7.26 15.58
C LEU B 162 3.33 -7.21 14.28
N ASP B 163 4.62 -6.97 14.35
CA ASP B 163 5.49 -6.88 13.14
C ASP B 163 6.29 -8.17 13.11
N MET B 164 5.79 -9.23 12.49
CA MET B 164 6.47 -10.54 12.48
C MET B 164 7.60 -10.55 11.43
N VAL B 165 8.67 -11.26 11.73
CA VAL B 165 9.86 -11.16 10.85
C VAL B 165 10.56 -12.51 10.84
N VAL B 166 11.00 -12.93 9.64
CA VAL B 166 11.95 -14.08 9.51
C VAL B 166 13.33 -13.57 9.87
N ARG B 167 14.05 -14.19 10.81
CA ARG B 167 15.34 -13.61 11.24
C ARG B 167 16.45 -14.03 10.27
N GLY B 168 17.37 -13.09 9.99
CA GLY B 168 18.59 -13.35 9.19
C GLY B 168 19.71 -12.36 9.48
N ARG B 169 20.91 -12.61 8.93
CA ARG B 169 22.17 -11.86 9.23
C ARG B 169 21.94 -10.34 9.22
N ARG B 172 16.24 -7.69 5.13
CA ARG B 172 15.63 -7.92 3.79
C ARG B 172 14.15 -7.59 3.88
N VAL B 173 13.63 -6.81 2.94
CA VAL B 173 12.21 -6.37 2.96
C VAL B 173 11.28 -7.59 2.93
N PHE B 174 11.58 -8.61 2.12
CA PHE B 174 10.70 -9.78 1.96
C PHE B 174 10.56 -10.51 3.29
N ARG B 175 11.50 -10.39 4.23
CA ARG B 175 11.41 -11.16 5.50
C ARG B 175 10.31 -10.60 6.41
N LYS B 176 9.78 -9.44 6.11
CA LYS B 176 8.68 -8.83 6.86
C LYS B 176 7.41 -8.80 6.01
N ALA B 177 7.39 -9.39 4.83
CA ALA B 177 6.30 -9.21 3.85
C ALA B 177 5.39 -10.43 3.72
N TYR B 178 5.66 -11.53 4.40
CA TYR B 178 4.85 -12.77 4.23
C TYR B 178 3.43 -12.53 4.71
N ASP B 179 2.48 -13.16 4.05
CA ASP B 179 1.08 -13.07 4.52
C ASP B 179 1.02 -13.39 6.03
N THR B 180 0.17 -12.63 6.73
CA THR B 180 -0.12 -12.75 8.18
C THR B 180 0.98 -12.14 9.03
N PHE B 181 2.01 -11.49 8.46
N PHE B 181 2.02 -11.55 8.44
CA PHE B 181 3.14 -10.93 9.25
CA PHE B 181 3.14 -11.00 9.24
C PHE B 181 2.88 -9.49 9.72
C PHE B 181 2.76 -9.70 9.94
N CYS B 182 1.63 -9.05 9.58
CA CYS B 182 1.24 -7.76 10.16
C CYS B 182 -0.15 -7.81 10.80
N PRO B 183 -0.38 -8.59 11.87
CA PRO B 183 -1.61 -8.49 12.66
C PRO B 183 -1.81 -7.07 13.16
N VAL B 184 -3.01 -6.52 12.91
CA VAL B 184 -3.39 -5.17 13.40
C VAL B 184 -4.81 -5.27 13.92
N GLY B 185 -5.03 -4.79 15.11
CA GLY B 185 -6.38 -4.91 15.71
C GLY B 185 -6.26 -4.67 17.20
N PRO B 186 -7.32 -4.96 17.97
CA PRO B 186 -8.54 -5.56 17.48
C PRO B 186 -9.63 -4.61 16.94
N TRP B 187 -9.36 -3.35 17.14
CA TRP B 187 -10.22 -2.18 16.77
C TRP B 187 -9.29 -0.98 16.71
N ILE B 188 -9.82 0.14 16.24
CA ILE B 188 -9.11 1.43 16.35
C ILE B 188 -9.71 2.20 17.54
N THR B 189 -8.85 2.61 18.45
CA THR B 189 -9.27 3.55 19.56
C THR B 189 -9.03 4.96 19.07
N THR B 190 -10.09 5.78 19.03
CA THR B 190 -9.99 7.14 18.52
C THR B 190 -9.10 7.94 19.42
N ALA B 191 -8.39 8.92 18.85
CA ALA B 191 -7.31 9.60 19.58
C ALA B 191 -7.84 10.39 20.78
N ASP B 192 -9.08 10.86 20.69
CA ASP B 192 -9.69 11.63 21.81
C ASP B 192 -9.78 10.74 23.06
N ALA B 193 -9.81 9.41 22.94
CA ALA B 193 -9.99 8.46 24.04
C ALA B 193 -8.66 8.09 24.67
N VAL B 194 -7.53 8.63 24.17
CA VAL B 194 -6.19 8.34 24.76
C VAL B 194 -5.67 9.66 25.34
N ASN B 195 -5.45 9.80 26.65
CA ASN B 195 -5.11 11.19 27.12
C ASN B 195 -3.73 11.60 26.62
N ASP B 196 -2.75 10.71 26.67
CA ASP B 196 -1.38 11.02 26.21
C ASP B 196 -0.74 9.78 25.63
N PRO B 197 -0.61 9.68 24.29
CA PRO B 197 -0.08 8.44 23.71
C PRO B 197 1.41 8.30 23.90
N ALA B 198 2.09 9.30 24.47
CA ALA B 198 3.52 9.23 24.83
C ALA B 198 3.73 8.68 26.26
N THR B 199 2.73 8.11 26.93
CA THR B 199 2.88 7.56 28.30
C THR B 199 2.29 6.15 28.40
N LEU B 200 2.14 5.43 27.29
CA LEU B 200 1.42 4.14 27.30
C LEU B 200 2.32 2.94 27.54
N ASP B 201 1.85 2.03 28.40
N ASP B 201 1.92 2.07 28.47
CA ASP B 201 2.54 0.75 28.61
CA ASP B 201 2.59 0.77 28.63
C ASP B 201 2.10 -0.29 27.58
C ASP B 201 2.13 -0.19 27.54
N MET B 202 3.09 -0.94 27.01
CA MET B 202 2.86 -1.98 25.98
C MET B 202 3.50 -3.28 26.50
N LYS B 203 2.78 -4.38 26.39
CA LYS B 203 3.29 -5.68 26.87
C LYS B 203 2.96 -6.76 25.86
N LEU B 204 3.87 -7.70 25.71
CA LEU B 204 3.63 -8.85 24.85
C LEU B 204 4.09 -10.10 25.60
N TRP B 205 3.20 -11.10 25.60
CA TRP B 205 3.47 -12.43 26.15
C TRP B 205 3.46 -13.44 25.04
N VAL B 206 4.31 -14.44 25.14
CA VAL B 206 4.21 -15.66 24.32
C VAL B 206 3.80 -16.76 25.30
N ASN B 207 2.63 -17.34 25.08
CA ASN B 207 2.01 -18.28 26.06
C ASN B 207 2.00 -17.54 27.40
N ASP B 208 2.60 -18.10 28.46
CA ASP B 208 2.45 -17.50 29.79
C ASP B 208 3.56 -16.48 30.10
N ASP B 209 4.58 -16.42 29.25
CA ASP B 209 5.81 -15.66 29.61
C ASP B 209 5.78 -14.25 29.04
N LEU B 210 6.08 -13.26 29.86
CA LEU B 210 6.27 -11.87 29.38
C LEU B 210 7.58 -11.86 28.58
N ARG B 211 7.51 -11.31 27.36
CA ARG B 211 8.68 -11.26 26.45
C ARG B 211 9.04 -9.82 26.13
N GLN B 212 8.10 -8.89 25.97
CA GLN B 212 8.40 -7.46 25.72
C GLN B 212 7.55 -6.60 26.61
N LYS B 213 8.13 -5.52 27.11
CA LYS B 213 7.44 -4.55 27.96
C LYS B 213 8.11 -3.21 27.89
N ALA B 214 7.37 -2.20 27.50
CA ALA B 214 7.92 -0.86 27.35
C ALA B 214 6.85 0.18 27.57
N ASN B 215 7.28 1.41 27.62
CA ASN B 215 6.37 2.53 27.68
C ASN B 215 6.74 3.50 26.56
N THR B 216 5.75 4.07 25.87
CA THR B 216 6.03 4.97 24.74
C THR B 216 6.71 6.28 25.13
N ARG B 217 6.89 6.54 26.44
CA ARG B 217 7.74 7.69 26.87
C ARG B 217 9.17 7.43 26.40
N ASP B 218 9.54 6.19 26.10
CA ASP B 218 10.91 5.78 25.75
C ASP B 218 11.13 5.67 24.24
N LEU B 219 10.17 6.13 23.41
CA LEU B 219 10.42 6.22 21.96
C LEU B 219 11.63 7.13 21.73
N VAL B 220 12.46 6.74 20.79
CA VAL B 220 13.63 7.58 20.39
C VAL B 220 13.16 8.73 19.50
N LEU B 221 12.55 8.39 18.37
CA LEU B 221 11.86 9.38 17.52
C LEU B 221 10.41 9.34 17.99
N ASP B 222 9.94 10.43 18.54
CA ASP B 222 8.63 10.53 19.17
C ASP B 222 7.50 10.58 18.14
N ILE B 223 6.26 10.53 18.60
CA ILE B 223 5.12 10.45 17.66
C ILE B 223 5.11 11.64 16.71
N PRO B 224 5.25 12.90 17.20
CA PRO B 224 5.28 14.02 16.28
C PRO B 224 6.42 13.89 15.25
N GLY B 225 7.58 13.42 15.69
CA GLY B 225 8.74 13.19 14.82
C GLY B 225 8.47 12.17 13.74
N MET B 226 7.78 11.11 14.12
CA MET B 226 7.51 10.04 13.12
C MET B 226 6.53 10.57 12.09
N ILE B 227 5.58 11.39 12.51
CA ILE B 227 4.58 11.97 11.57
C ILE B 227 5.26 12.99 10.67
N ALA B 228 6.08 13.85 11.25
CA ALA B 228 6.76 14.89 10.46
C ALA B 228 7.72 14.23 9.47
N THR B 229 8.41 13.16 9.86
CA THR B 229 9.42 12.50 9.02
C THR B 229 8.70 11.81 7.84
N ALA B 230 7.66 11.03 8.14
CA ALA B 230 7.01 10.28 7.05
C ALA B 230 6.35 11.26 6.07
N SER B 231 5.65 12.28 6.59
CA SER B 231 4.93 13.26 5.75
C SER B 231 5.87 14.24 5.02
N ALA B 232 7.13 14.39 5.45
CA ALA B 232 8.12 15.20 4.70
C ALA B 232 8.38 14.53 3.36
N VAL B 233 8.24 13.21 3.26
CA VAL B 233 8.56 12.43 2.05
C VAL B 233 7.31 12.08 1.27
N MET B 234 6.29 11.63 1.97
CA MET B 234 5.07 11.05 1.36
C MET B 234 3.82 11.84 1.79
N THR B 235 2.88 12.03 0.86
CA THR B 235 1.51 12.42 1.25
C THR B 235 0.88 11.27 2.03
N LEU B 236 0.52 11.48 3.28
CA LEU B 236 -0.23 10.49 4.07
C LEU B 236 -1.71 10.58 3.73
N GLN B 237 -2.42 9.46 3.94
CA GLN B 237 -3.84 9.32 3.64
C GLN B 237 -4.58 8.78 4.85
N PRO B 238 -5.88 9.15 5.02
CA PRO B 238 -6.69 8.48 6.02
C PRO B 238 -6.55 6.97 5.93
N GLY B 239 -6.35 6.32 7.07
CA GLY B 239 -6.20 4.86 7.17
C GLY B 239 -4.78 4.42 7.11
N ASP B 240 -3.84 5.29 6.77
CA ASP B 240 -2.42 4.88 6.75
C ASP B 240 -2.01 4.42 8.14
N ILE B 241 -1.17 3.41 8.21
CA ILE B 241 -0.70 2.82 9.47
C ILE B 241 0.74 3.23 9.63
N ILE B 242 1.09 3.76 10.77
CA ILE B 242 2.50 4.00 11.14
C ILE B 242 2.83 3.08 12.29
N ALA B 243 3.70 2.10 12.04
CA ALA B 243 4.22 1.16 13.07
C ALA B 243 5.36 1.89 13.77
N THR B 244 5.28 2.11 15.08
CA THR B 244 6.16 3.08 15.78
C THR B 244 7.43 2.48 16.32
N GLY B 245 7.64 1.17 16.16
CA GLY B 245 8.86 0.45 16.58
C GLY B 245 8.61 -0.57 17.66
N THR B 246 9.65 -1.24 18.11
CA THR B 246 9.50 -2.32 19.09
C THR B 246 10.66 -2.21 20.07
N PRO B 247 10.40 -2.55 21.32
CA PRO B 247 11.45 -2.54 22.36
C PRO B 247 12.22 -3.85 22.33
N GLU B 248 13.13 -4.00 23.32
CA GLU B 248 13.91 -5.23 23.49
C GLU B 248 13.00 -6.43 23.75
N GLY B 249 13.52 -7.63 23.59
CA GLY B 249 12.79 -8.85 23.89
C GLY B 249 12.15 -9.50 22.68
N VAL B 250 12.49 -9.01 21.49
CA VAL B 250 12.10 -9.70 20.25
C VAL B 250 12.62 -11.12 20.32
N GLY B 251 11.81 -12.09 20.02
CA GLY B 251 12.23 -13.49 20.04
C GLY B 251 11.28 -14.36 19.27
N PRO B 252 11.60 -15.66 19.23
CA PRO B 252 10.93 -16.60 18.37
C PRO B 252 9.53 -17.04 18.79
N VAL B 253 8.75 -17.39 17.78
CA VAL B 253 7.44 -18.05 17.95
C VAL B 253 7.49 -19.32 17.14
N VAL B 254 6.78 -20.32 17.63
CA VAL B 254 6.71 -21.65 16.95
C VAL B 254 5.25 -22.09 16.89
N ASP B 255 4.99 -23.11 16.09
CA ASP B 255 3.66 -23.72 15.94
C ASP B 255 3.03 -23.98 17.32
N GLY B 256 1.79 -23.52 17.51
CA GLY B 256 1.00 -23.73 18.73
C GLY B 256 1.13 -22.59 19.73
N ASP B 257 2.09 -21.72 19.56
CA ASP B 257 2.24 -20.53 20.43
C ASP B 257 1.04 -19.60 20.30
N ARG B 258 0.78 -18.87 21.37
CA ARG B 258 -0.24 -17.80 21.43
C ARG B 258 0.40 -16.49 21.84
N ILE B 259 0.29 -15.48 20.98
CA ILE B 259 0.94 -14.18 21.22
C ILE B 259 -0.15 -13.25 21.76
N ARG B 260 0.06 -12.65 22.92
CA ARG B 260 -0.87 -11.65 23.50
C ARG B 260 -0.15 -10.33 23.54
N ILE B 261 -0.81 -9.29 22.99
CA ILE B 261 -0.32 -7.90 23.09
C ILE B 261 -1.38 -7.07 23.81
N VAL B 262 -0.94 -6.27 24.75
CA VAL B 262 -1.78 -5.27 25.44
C VAL B 262 -1.09 -3.92 25.29
N ILE B 263 -1.84 -2.91 24.87
CA ILE B 263 -1.37 -1.52 24.95
C ILE B 263 -2.43 -0.77 25.76
N ASP B 264 -2.04 -0.35 26.96
N ASP B 264 -1.98 -0.25 26.90
CA ASP B 264 -2.99 0.34 27.85
CA ASP B 264 -2.87 0.51 27.82
C ASP B 264 -3.63 1.49 27.08
C ASP B 264 -3.64 1.57 27.03
N GLN B 265 -4.95 1.63 27.26
CA GLN B 265 -5.80 2.69 26.68
C GLN B 265 -6.09 2.50 25.19
N VAL B 266 -5.46 1.50 24.58
CA VAL B 266 -5.57 1.30 23.12
C VAL B 266 -6.26 -0.03 22.79
N GLY B 267 -5.80 -1.14 23.32
CA GLY B 267 -6.42 -2.42 22.98
C GLY B 267 -5.64 -3.63 23.46
N GLU B 268 -6.19 -4.78 23.20
CA GLU B 268 -5.55 -6.05 23.52
C GLU B 268 -5.98 -7.04 22.47
N MET B 269 -5.02 -7.82 22.00
CA MET B 269 -5.41 -8.94 21.14
C MET B 269 -4.44 -10.11 21.33
N ALA B 270 -4.95 -11.28 21.00
CA ALA B 270 -4.15 -12.50 21.05
C ALA B 270 -4.37 -13.30 19.77
N VAL B 271 -3.28 -13.78 19.20
CA VAL B 271 -3.30 -14.58 17.95
C VAL B 271 -2.54 -15.89 18.15
N ASP B 272 -3.06 -16.90 17.50
CA ASP B 272 -2.43 -18.23 17.50
C ASP B 272 -1.37 -18.24 16.40
N VAL B 273 -0.37 -19.09 16.58
CA VAL B 273 0.73 -19.27 15.60
C VAL B 273 0.64 -20.68 15.07
N VAL B 274 0.61 -20.83 13.74
CA VAL B 274 0.48 -22.17 13.12
C VAL B 274 1.61 -22.31 12.12
N GLN B 275 2.12 -23.53 11.94
CA GLN B 275 3.18 -23.79 10.91
C GLN B 275 2.50 -23.92 9.56
N GLY B 276 2.97 -23.21 8.53
CA GLY B 276 2.43 -23.28 7.15
C GLY B 276 2.78 -24.61 6.47
#